data_8W08
#
_entry.id   8W08
#
_cell.length_a   42.461
_cell.length_b   106.831
_cell.length_c   114.792
_cell.angle_alpha   90.00
_cell.angle_beta   90.00
_cell.angle_gamma   90.00
#
_symmetry.space_group_name_H-M   'P 2 21 21'
#
loop_
_entity.id
_entity.type
_entity.pdbx_description
1 polymer 'Triosephosphate isomerase'
2 non-polymer 'FLUORIDE ION'
3 water water
#
_entity_poly.entity_id   1
_entity_poly.type   'polypeptide(L)'
_entity_poly.pdbx_seq_one_letter_code
;MGSSHHHHHHSSGLVPRGSHMARKFFVGGNWKMNGSVESIKSLVETLNNAELDPNVEVVIAPPAVYLPLVREALRKDIQV
AAQNCYTKASGAYTGEISAEMLKDLGIPWVILGHSERRHIFGESDELVAEKTKYALDSGLSVILCIGETLEEREAGKTMD
VVARQLKAIADKITENDWSKVVIAYEPVWAIGTGKVATPEQAQEVHAEIRKWLAENVSAEVAESTRIIYGGSVNGGNCKE
LAKQPDIDGFLVGGASLKPEFVDIINAKQA
;
_entity_poly.pdbx_strand_id   A,B
#
loop_
_chem_comp.id
_chem_comp.type
_chem_comp.name
_chem_comp.formula
F non-polymer 'FLUORIDE ION' 'F -1'
#
# COMPACT_ATOMS: atom_id res chain seq x y z
N ARG A 23 32.17 -8.29 -5.66
CA ARG A 23 30.77 -8.15 -5.25
C ARG A 23 29.90 -9.16 -5.99
N LYS A 24 29.01 -9.84 -5.28
CA LYS A 24 28.19 -10.87 -5.92
C LYS A 24 27.10 -10.22 -6.78
N PHE A 25 26.98 -10.71 -8.02
CA PHE A 25 25.98 -10.18 -8.95
C PHE A 25 24.58 -10.34 -8.38
N PHE A 26 23.75 -9.32 -8.60
CA PHE A 26 22.44 -9.22 -7.94
C PHE A 26 21.39 -8.84 -8.98
N VAL A 27 20.37 -9.66 -9.15
CA VAL A 27 19.31 -9.37 -10.12
C VAL A 27 17.96 -9.33 -9.40
N GLY A 28 17.31 -8.18 -9.45
CA GLY A 28 16.01 -7.97 -8.82
C GLY A 28 14.93 -7.83 -9.87
N GLY A 29 13.80 -8.48 -9.62
CA GLY A 29 12.66 -8.37 -10.51
C GLY A 29 11.50 -7.65 -9.86
N ASN A 30 11.18 -6.45 -10.32
CA ASN A 30 10.09 -5.66 -9.76
C ASN A 30 8.85 -5.83 -10.62
N TRP A 31 7.87 -6.60 -10.14
CA TRP A 31 6.67 -6.83 -10.93
C TRP A 31 5.78 -5.60 -11.01
N LYS A 32 5.98 -4.60 -10.17
CA LYS A 32 5.14 -3.40 -10.06
C LYS A 32 3.68 -3.85 -9.87
N MET A 33 2.70 -3.08 -10.36
CA MET A 33 1.29 -3.42 -10.18
C MET A 33 0.83 -4.37 -11.28
N ASN A 34 1.36 -5.59 -11.24
CA ASN A 34 1.06 -6.61 -12.24
C ASN A 34 1.01 -7.98 -11.58
N GLY A 35 0.02 -8.78 -11.94
CA GLY A 35 -0.08 -10.14 -11.46
C GLY A 35 -1.50 -10.57 -11.19
N SER A 36 -1.78 -11.84 -11.46
CA SER A 36 -2.98 -12.53 -11.02
C SER A 36 -2.53 -13.89 -10.53
N VAL A 37 -3.43 -14.59 -9.85
CA VAL A 37 -3.13 -15.94 -9.40
C VAL A 37 -2.66 -16.80 -10.57
N GLU A 38 -3.39 -16.74 -11.69
CA GLU A 38 -3.07 -17.61 -12.81
C GLU A 38 -1.79 -17.16 -13.51
N SER A 39 -1.57 -15.85 -13.68
CA SER A 39 -0.35 -15.41 -14.36
C SER A 39 0.87 -15.64 -13.48
N ILE A 40 0.73 -15.46 -12.16
CA ILE A 40 1.85 -15.68 -11.27
C ILE A 40 2.18 -17.18 -11.20
N LYS A 41 1.17 -18.04 -11.33
CA LYS A 41 1.44 -19.47 -11.31
C LYS A 41 2.28 -19.89 -12.52
N SER A 42 2.03 -19.30 -13.68
CA SER A 42 2.86 -19.63 -14.84
C SER A 42 4.25 -19.03 -14.72
N LEU A 43 4.34 -17.78 -14.25
CA LEU A 43 5.65 -17.16 -14.10
C LEU A 43 6.50 -17.94 -13.10
N VAL A 44 5.90 -18.38 -11.99
CA VAL A 44 6.68 -19.06 -10.95
C VAL A 44 7.13 -20.44 -11.44
N GLU A 45 6.25 -21.14 -12.16
CA GLU A 45 6.63 -22.46 -12.67
C GLU A 45 7.72 -22.34 -13.73
N THR A 46 7.70 -21.27 -14.53
CA THR A 46 8.79 -21.02 -15.45
C THR A 46 10.11 -20.81 -14.69
N LEU A 47 10.07 -20.02 -13.61
CA LEU A 47 11.28 -19.81 -12.81
C LEU A 47 11.73 -21.11 -12.15
N ASN A 48 10.80 -21.91 -11.64
CA ASN A 48 11.17 -23.16 -10.97
C ASN A 48 11.78 -24.16 -11.94
N ASN A 49 11.42 -24.07 -13.22
CA ASN A 49 11.97 -24.95 -14.22
C ASN A 49 13.26 -24.42 -14.83
N ALA A 50 13.61 -23.17 -14.58
CA ALA A 50 14.75 -22.56 -15.24
C ALA A 50 16.07 -23.08 -14.67
N GLU A 51 17.12 -22.98 -15.49
CA GLU A 51 18.50 -23.22 -15.07
C GLU A 51 19.13 -21.86 -14.80
N LEU A 52 19.47 -21.59 -13.54
CA LEU A 52 19.95 -20.29 -13.12
C LEU A 52 21.43 -20.36 -12.78
N ASP A 53 22.18 -19.32 -13.18
CA ASP A 53 23.57 -19.13 -12.79
C ASP A 53 23.71 -19.17 -11.27
N PRO A 54 24.44 -20.14 -10.71
CA PRO A 54 24.54 -20.24 -9.25
C PRO A 54 25.25 -19.06 -8.62
N ASN A 55 26.01 -18.29 -9.39
CA ASN A 55 26.76 -17.17 -8.83
C ASN A 55 25.90 -15.92 -8.61
N VAL A 56 24.62 -15.93 -8.95
CA VAL A 56 23.78 -14.72 -8.96
C VAL A 56 22.77 -14.78 -7.83
N GLU A 57 22.62 -13.65 -7.13
CA GLU A 57 21.62 -13.47 -6.08
C GLU A 57 20.36 -12.91 -6.73
N VAL A 58 19.24 -13.59 -6.58
CA VAL A 58 18.00 -13.25 -7.29
C VAL A 58 16.90 -12.96 -6.29
N VAL A 59 16.23 -11.81 -6.46
CA VAL A 59 15.13 -11.38 -5.62
C VAL A 59 13.99 -10.94 -6.55
N ILE A 60 12.76 -11.32 -6.21
CA ILE A 60 11.60 -10.90 -7.00
C ILE A 60 10.57 -10.28 -6.06
N ALA A 61 9.84 -9.28 -6.59
CA ALA A 61 8.98 -8.42 -5.78
C ALA A 61 7.57 -8.36 -6.36
N PRO A 62 6.67 -9.23 -5.88
CA PRO A 62 5.28 -9.22 -6.35
C PRO A 62 4.44 -8.18 -5.62
N PRO A 63 3.22 -7.89 -6.08
CA PRO A 63 2.32 -7.02 -5.31
C PRO A 63 2.04 -7.62 -3.95
N ALA A 64 1.75 -6.75 -2.99
CA ALA A 64 1.71 -7.18 -1.58
C ALA A 64 0.71 -8.30 -1.36
N VAL A 65 -0.44 -8.26 -2.05
CA VAL A 65 -1.47 -9.26 -1.82
C VAL A 65 -1.07 -10.65 -2.30
N TYR A 66 -0.03 -10.75 -3.11
CA TYR A 66 0.45 -12.04 -3.61
C TYR A 66 1.71 -12.52 -2.92
N LEU A 67 2.21 -11.80 -1.91
CA LEU A 67 3.44 -12.21 -1.25
C LEU A 67 3.35 -13.62 -0.66
N PRO A 68 2.30 -13.98 0.10
CA PRO A 68 2.22 -15.37 0.59
C PRO A 68 2.19 -16.38 -0.54
N LEU A 69 1.40 -16.13 -1.58
CA LEU A 69 1.27 -17.10 -2.67
C LEU A 69 2.63 -17.35 -3.31
N VAL A 70 3.37 -16.28 -3.59
CA VAL A 70 4.68 -16.41 -4.23
C VAL A 70 5.68 -17.07 -3.30
N ARG A 71 5.73 -16.66 -2.03
CA ARG A 71 6.69 -17.25 -1.09
CA ARG A 71 6.71 -17.25 -1.13
C ARG A 71 6.49 -18.75 -0.97
N GLU A 72 5.23 -19.20 -0.95
CA GLU A 72 4.95 -20.63 -0.85
C GLU A 72 5.40 -21.41 -2.10
N ALA A 73 5.20 -20.86 -3.29
CA ALA A 73 5.35 -21.62 -4.52
C ALA A 73 6.76 -21.51 -5.12
N LEU A 74 7.46 -20.41 -4.85
CA LEU A 74 8.72 -20.11 -5.53
C LEU A 74 9.91 -20.88 -4.95
N ARG A 75 10.79 -21.35 -5.84
CA ARG A 75 12.05 -21.98 -5.45
C ARG A 75 12.77 -21.13 -4.40
N LYS A 76 13.23 -21.80 -3.33
CA LYS A 76 13.76 -21.06 -2.18
C LYS A 76 15.06 -20.31 -2.47
N ASP A 77 15.76 -20.63 -3.55
CA ASP A 77 16.98 -19.87 -3.84
C ASP A 77 16.71 -18.50 -4.46
N ILE A 78 15.48 -18.19 -4.82
CA ILE A 78 15.07 -16.82 -5.18
C ILE A 78 14.31 -16.24 -4.00
N GLN A 79 14.80 -15.14 -3.46
CA GLN A 79 14.11 -14.59 -2.30
C GLN A 79 13.04 -13.60 -2.75
N VAL A 80 12.07 -13.35 -1.89
CA VAL A 80 10.92 -12.51 -2.22
C VAL A 80 11.08 -11.15 -1.53
N ALA A 81 10.67 -10.08 -2.23
CA ALA A 81 10.67 -8.73 -1.69
C ALA A 81 9.28 -8.12 -1.76
N ALA A 82 8.97 -7.26 -0.79
CA ALA A 82 7.84 -6.35 -0.91
C ALA A 82 8.26 -5.12 -1.72
N GLN A 83 7.27 -4.49 -2.35
CA GLN A 83 7.54 -3.32 -3.17
C GLN A 83 7.59 -2.02 -2.38
N ASN A 84 7.30 -2.05 -1.08
CA ASN A 84 7.20 -0.87 -0.23
C ASN A 84 6.89 -1.34 1.18
N CYS A 85 7.19 -0.48 2.15
CA CYS A 85 6.70 -0.65 3.52
C CYS A 85 6.70 0.72 4.19
N TYR A 86 6.24 0.79 5.42
CA TYR A 86 6.16 2.07 6.13
C TYR A 86 7.25 2.15 7.21
N THR A 87 7.04 3.04 8.21
CA THR A 87 8.13 3.47 9.07
C THR A 87 8.12 2.89 10.47
N LYS A 88 7.06 2.21 10.87
CA LYS A 88 6.88 1.80 12.25
C LYS A 88 6.46 0.34 12.28
N ALA A 89 6.48 -0.24 13.48
CA ALA A 89 6.02 -1.63 13.64
C ALA A 89 4.52 -1.77 13.40
N SER A 90 3.75 -0.77 13.81
CA SER A 90 2.29 -0.82 13.71
C SER A 90 1.75 0.56 14.01
N GLY A 91 0.48 0.77 13.69
CA GLY A 91 -0.18 2.01 14.06
C GLY A 91 -1.31 2.37 13.10
N ALA A 92 -1.80 3.60 13.28
CA ALA A 92 -3.01 4.06 12.62
C ALA A 92 -2.65 4.64 11.24
N TYR A 93 -2.27 3.73 10.33
CA TYR A 93 -1.80 4.07 8.98
C TYR A 93 -2.54 3.16 7.99
N THR A 94 -3.82 3.47 7.79
CA THR A 94 -4.66 2.73 6.87
C THR A 94 -4.00 2.63 5.51
N GLY A 95 -3.89 1.40 5.01
CA GLY A 95 -3.31 1.16 3.70
C GLY A 95 -1.83 0.84 3.71
N GLU A 96 -1.16 0.90 4.86
CA GLU A 96 0.28 0.71 4.94
C GLU A 96 0.63 -0.65 5.52
N ILE A 97 1.81 -1.16 5.12
CA ILE A 97 2.35 -2.45 5.59
C ILE A 97 3.64 -2.18 6.34
N SER A 98 3.88 -2.94 7.42
CA SER A 98 5.05 -2.78 8.27
CA SER A 98 5.06 -2.74 8.23
C SER A 98 6.14 -3.79 7.94
N ALA A 99 7.39 -3.40 8.18
CA ALA A 99 8.50 -4.36 8.05
C ALA A 99 8.35 -5.56 8.98
N GLU A 100 7.71 -5.37 10.14
CA GLU A 100 7.47 -6.50 11.04
C GLU A 100 6.53 -7.53 10.44
N MET A 101 5.52 -7.07 9.68
CA MET A 101 4.65 -7.96 8.94
C MET A 101 5.42 -8.74 7.90
N LEU A 102 6.34 -8.07 7.21
CA LEU A 102 7.16 -8.78 6.24
C LEU A 102 8.01 -9.85 6.92
N LYS A 103 8.62 -9.48 8.06
CA LYS A 103 9.38 -10.47 8.85
C LYS A 103 8.49 -11.62 9.29
N ASP A 104 7.29 -11.30 9.77
CA ASP A 104 6.32 -12.31 10.21
C ASP A 104 6.01 -13.30 9.11
N LEU A 105 5.97 -12.84 7.87
CA LEU A 105 5.63 -13.66 6.71
C LEU A 105 6.84 -14.24 5.98
N GLY A 106 8.04 -14.09 6.53
CA GLY A 106 9.22 -14.66 5.88
C GLY A 106 9.64 -13.99 4.59
N ILE A 107 9.37 -12.68 4.47
CA ILE A 107 9.77 -11.88 3.31
C ILE A 107 11.03 -11.10 3.70
N PRO A 108 12.20 -11.44 3.16
CA PRO A 108 13.43 -10.86 3.72
C PRO A 108 13.90 -9.57 3.08
N TRP A 109 13.25 -9.12 2.01
CA TRP A 109 13.68 -7.95 1.25
C TRP A 109 12.53 -6.97 1.07
N VAL A 110 12.89 -5.71 0.82
CA VAL A 110 11.90 -4.69 0.47
C VAL A 110 12.58 -3.67 -0.44
N ILE A 111 11.84 -3.22 -1.45
CA ILE A 111 12.24 -2.12 -2.33
C ILE A 111 11.76 -0.82 -1.70
N LEU A 112 12.67 0.14 -1.50
CA LEU A 112 12.29 1.41 -0.91
C LEU A 112 12.79 2.55 -1.78
N GLY A 113 11.98 3.60 -1.89
CA GLY A 113 12.38 4.77 -2.67
C GLY A 113 12.29 4.62 -4.17
N HIS A 114 11.55 3.62 -4.67
CA HIS A 114 11.37 3.50 -6.11
C HIS A 114 10.88 4.82 -6.69
N SER A 115 11.35 5.12 -7.92
CA SER A 115 11.05 6.42 -8.51
C SER A 115 9.55 6.68 -8.58
N GLU A 116 8.75 5.63 -8.77
CA GLU A 116 7.30 5.81 -8.84
C GLU A 116 6.75 6.25 -7.49
N ARG A 117 7.31 5.71 -6.41
CA ARG A 117 6.90 6.13 -5.07
C ARG A 117 7.41 7.54 -4.75
N ARG A 118 8.64 7.88 -5.16
CA ARG A 118 9.16 9.22 -4.84
C ARG A 118 8.39 10.31 -5.61
N HIS A 119 8.07 10.04 -6.87
CA HIS A 119 7.58 11.07 -7.79
C HIS A 119 6.07 11.06 -8.00
N ILE A 120 5.42 9.90 -8.09
CA ILE A 120 3.96 9.90 -8.14
C ILE A 120 3.37 10.11 -6.76
N PHE A 121 3.82 9.35 -5.78
CA PHE A 121 3.18 9.33 -4.46
C PHE A 121 3.89 10.21 -3.46
N GLY A 122 4.93 10.94 -3.89
CA GLY A 122 5.49 12.04 -3.14
C GLY A 122 6.37 11.69 -1.96
N GLU A 123 6.95 10.49 -1.92
CA GLU A 123 7.81 10.10 -0.81
C GLU A 123 9.10 10.93 -0.82
N SER A 124 9.39 11.62 0.28
CA SER A 124 10.53 12.51 0.39
C SER A 124 11.82 11.72 0.65
N ASP A 125 12.97 12.37 0.46
CA ASP A 125 14.21 11.66 0.78
C ASP A 125 14.24 11.27 2.24
N GLU A 126 13.67 12.09 3.12
CA GLU A 126 13.70 11.79 4.57
C GLU A 126 12.78 10.61 4.87
N LEU A 127 11.60 10.56 4.23
CA LEU A 127 10.72 9.43 4.45
C LEU A 127 11.36 8.13 4.00
N VAL A 128 11.98 8.14 2.82
CA VAL A 128 12.65 6.93 2.35
C VAL A 128 13.74 6.51 3.33
N ALA A 129 14.47 7.48 3.89
CA ALA A 129 15.49 7.15 4.88
C ALA A 129 14.90 6.52 6.14
N GLU A 130 13.81 7.10 6.65
CA GLU A 130 13.15 6.51 7.83
C GLU A 130 12.70 5.09 7.56
N LYS A 131 12.14 4.84 6.37
CA LYS A 131 11.73 3.49 6.03
C LYS A 131 12.94 2.57 5.95
N THR A 132 14.04 3.07 5.40
CA THR A 132 15.24 2.24 5.23
C THR A 132 15.81 1.85 6.58
N LYS A 133 15.93 2.80 7.50
CA LYS A 133 16.48 2.50 8.81
C LYS A 133 15.55 1.56 9.57
N TYR A 134 14.22 1.74 9.43
CA TYR A 134 13.33 0.85 10.14
C TYR A 134 13.36 -0.56 9.57
N ALA A 135 13.42 -0.70 8.24
CA ALA A 135 13.48 -2.03 7.64
C ALA A 135 14.76 -2.75 8.04
N LEU A 136 15.89 -2.03 8.02
CA LEU A 136 17.16 -2.66 8.41
C LEU A 136 17.17 -3.06 9.88
N ASP A 137 16.66 -2.17 10.74
CA ASP A 137 16.55 -2.52 12.16
C ASP A 137 15.63 -3.70 12.39
N SER A 138 14.70 -3.95 11.49
CA SER A 138 13.77 -5.07 11.58
C SER A 138 14.32 -6.34 10.94
N GLY A 139 15.56 -6.32 10.47
CA GLY A 139 16.20 -7.51 9.92
C GLY A 139 16.04 -7.70 8.43
N LEU A 140 15.38 -6.79 7.73
CA LEU A 140 15.26 -6.93 6.29
C LEU A 140 16.51 -6.39 5.59
N SER A 141 16.70 -6.83 4.36
CA SER A 141 17.62 -6.19 3.44
C SER A 141 16.83 -5.24 2.55
N VAL A 142 17.49 -4.21 2.02
CA VAL A 142 16.78 -3.14 1.32
C VAL A 142 17.39 -2.93 -0.06
N ILE A 143 16.55 -2.94 -1.09
CA ILE A 143 16.92 -2.40 -2.39
C ILE A 143 16.56 -0.92 -2.37
N LEU A 144 17.57 -0.07 -2.26
CA LEU A 144 17.38 1.36 -2.09
C LEU A 144 17.48 2.03 -3.46
N CYS A 145 16.39 2.60 -3.93
CA CYS A 145 16.34 3.19 -5.27
C CYS A 145 16.65 4.69 -5.19
N ILE A 146 17.48 5.15 -6.13
CA ILE A 146 17.85 6.56 -6.27
C ILE A 146 17.86 6.88 -7.76
N GLY A 147 17.91 8.17 -8.07
CA GLY A 147 18.05 8.58 -9.46
C GLY A 147 17.40 9.92 -9.70
N GLU A 148 17.84 10.57 -10.77
CA GLU A 148 17.42 11.94 -11.07
C GLU A 148 16.46 11.95 -12.26
N THR A 149 15.60 12.98 -12.30
CA THR A 149 14.61 13.17 -13.35
C THR A 149 15.24 13.83 -14.58
N LEU A 150 14.46 13.88 -15.67
CA LEU A 150 14.93 14.60 -16.86
C LEU A 150 15.22 16.05 -16.54
N GLU A 151 14.27 16.72 -15.89
CA GLU A 151 14.45 18.12 -15.51
C GLU A 151 15.69 18.30 -14.64
N GLU A 152 15.91 17.39 -13.68
CA GLU A 152 17.12 17.51 -12.85
C GLU A 152 18.38 17.36 -13.68
N ARG A 153 18.42 16.36 -14.57
CA ARG A 153 19.60 16.20 -15.40
C ARG A 153 19.79 17.41 -16.32
N GLU A 154 18.68 17.94 -16.84
CA GLU A 154 18.82 19.11 -17.71
C GLU A 154 19.33 20.33 -16.94
N ALA A 155 19.05 20.40 -15.64
CA ALA A 155 19.58 21.47 -14.80
C ALA A 155 20.98 21.16 -14.24
N GLY A 156 21.62 20.10 -14.72
CA GLY A 156 22.94 19.73 -14.23
C GLY A 156 22.97 19.32 -12.77
N LYS A 157 21.95 18.59 -12.31
N LYS A 157 21.96 18.58 -12.32
CA LYS A 157 21.84 18.23 -10.90
CA LYS A 157 21.83 18.23 -10.91
C LYS A 157 22.02 16.74 -10.65
C LYS A 157 22.01 16.74 -10.65
N THR A 158 22.53 15.98 -11.63
CA THR A 158 22.66 14.53 -11.45
C THR A 158 23.45 14.19 -10.19
N MET A 159 24.66 14.75 -10.07
CA MET A 159 25.47 14.42 -8.90
C MET A 159 24.84 14.93 -7.62
N ASP A 160 24.25 16.12 -7.65
CA ASP A 160 23.63 16.70 -6.45
C ASP A 160 22.46 15.85 -5.98
N VAL A 161 21.68 15.30 -6.93
CA VAL A 161 20.49 14.56 -6.55
C VAL A 161 20.87 13.22 -5.93
N VAL A 162 21.78 12.47 -6.57
CA VAL A 162 22.11 11.16 -5.99
C VAL A 162 22.80 11.35 -4.64
N ALA A 163 23.58 12.43 -4.49
CA ALA A 163 24.21 12.72 -3.21
C ALA A 163 23.18 12.99 -2.11
N ARG A 164 22.15 13.80 -2.38
CA ARG A 164 21.14 14.14 -1.35
C ARG A 164 20.30 12.90 -1.01
N GLN A 165 19.97 12.10 -2.03
CA GLN A 165 19.15 10.93 -1.78
C GLN A 165 19.92 9.94 -0.91
N LEU A 166 21.23 9.78 -1.16
CA LEU A 166 22.05 8.85 -0.40
C LEU A 166 22.37 9.40 0.99
N LYS A 167 22.68 10.69 1.08
CA LYS A 167 23.01 11.31 2.36
C LYS A 167 21.88 11.16 3.37
N ALA A 168 20.63 11.25 2.94
CA ALA A 168 19.48 11.06 3.87
C ALA A 168 19.58 9.68 4.56
N ILE A 169 19.92 8.65 3.79
CA ILE A 169 20.08 7.28 4.37
C ILE A 169 21.38 7.21 5.19
N ALA A 170 22.49 7.71 4.65
CA ALA A 170 23.75 7.58 5.39
C ALA A 170 23.73 8.29 6.73
N ASP A 171 22.97 9.38 6.85
CA ASP A 171 22.85 10.06 8.13
C ASP A 171 22.14 9.21 9.18
N LYS A 172 21.31 8.27 8.74
CA LYS A 172 20.46 7.51 9.64
C LYS A 172 20.97 6.11 9.96
N ILE A 173 21.82 5.52 9.11
CA ILE A 173 22.21 4.13 9.26
C ILE A 173 23.70 4.06 9.51
N THR A 174 24.12 2.97 10.15
CA THR A 174 25.50 2.78 10.53
C THR A 174 26.29 2.23 9.35
N GLU A 175 27.61 2.27 9.47
CA GLU A 175 28.45 1.67 8.43
C GLU A 175 28.11 0.20 8.23
N ASN A 176 27.83 -0.53 9.30
CA ASN A 176 27.53 -1.95 9.16
C ASN A 176 26.15 -2.18 8.55
N ASP A 177 25.20 -1.27 8.81
CA ASP A 177 23.87 -1.36 8.19
C ASP A 177 23.96 -1.47 6.66
N TRP A 178 24.99 -0.87 6.05
CA TRP A 178 25.11 -0.87 4.60
C TRP A 178 25.32 -2.26 4.00
N SER A 179 25.74 -3.26 4.79
CA SER A 179 25.97 -4.58 4.19
C SER A 179 24.69 -5.26 3.74
N LYS A 180 23.54 -4.85 4.26
CA LYS A 180 22.25 -5.38 3.80
C LYS A 180 21.48 -4.37 2.94
N VAL A 181 22.20 -3.47 2.27
CA VAL A 181 21.62 -2.51 1.35
C VAL A 181 22.18 -2.80 -0.05
N VAL A 182 21.30 -2.83 -1.05
CA VAL A 182 21.69 -2.82 -2.45
C VAL A 182 21.13 -1.52 -3.03
N ILE A 183 22.01 -0.73 -3.66
CA ILE A 183 21.61 0.53 -4.30
C ILE A 183 21.19 0.25 -5.74
N ALA A 184 19.99 0.70 -6.11
CA ALA A 184 19.53 0.64 -7.50
C ALA A 184 19.47 2.06 -8.05
N TYR A 185 20.24 2.31 -9.12
CA TYR A 185 20.17 3.61 -9.81
C TYR A 185 19.19 3.51 -10.97
N GLU A 186 18.18 4.38 -10.92
CA GLU A 186 17.17 4.52 -11.96
C GLU A 186 17.45 5.78 -12.77
N PRO A 187 17.81 5.67 -14.03
CA PRO A 187 17.84 6.88 -14.87
C PRO A 187 16.43 7.35 -15.21
N VAL A 188 15.76 7.96 -14.24
CA VAL A 188 14.39 8.43 -14.46
C VAL A 188 14.34 9.32 -15.69
N TRP A 189 15.41 10.10 -15.92
CA TRP A 189 15.51 10.99 -17.09
C TRP A 189 15.33 10.25 -18.41
N ALA A 190 15.66 8.98 -18.46
CA ALA A 190 15.52 8.20 -19.69
C ALA A 190 14.16 7.51 -19.77
N ILE A 191 13.29 7.71 -18.79
CA ILE A 191 12.04 6.96 -18.69
C ILE A 191 10.97 7.73 -19.44
N GLY A 192 10.72 7.31 -20.68
CA GLY A 192 9.77 8.06 -21.52
C GLY A 192 10.47 8.65 -22.74
N ALA A 197 20.01 6.36 -22.65
CA ALA A 197 20.02 5.21 -21.75
C ALA A 197 21.17 4.25 -22.08
N THR A 198 22.33 4.81 -22.46
CA THR A 198 23.49 4.00 -22.90
C THR A 198 24.23 3.35 -21.73
N PRO A 199 24.98 2.25 -21.94
CA PRO A 199 25.78 1.66 -20.87
C PRO A 199 26.89 2.58 -20.34
N GLU A 200 27.52 3.37 -21.21
CA GLU A 200 28.50 4.34 -20.73
C GLU A 200 27.85 5.39 -19.81
N GLN A 201 26.65 5.84 -20.15
CA GLN A 201 25.96 6.78 -19.26
C GLN A 201 25.62 6.14 -17.92
N ALA A 202 25.31 4.83 -17.92
CA ALA A 202 25.01 4.16 -16.66
C ALA A 202 26.25 4.00 -15.81
N GLN A 203 27.33 3.52 -16.44
CA GLN A 203 28.61 3.37 -15.73
C GLN A 203 29.07 4.68 -15.11
N GLU A 204 28.87 5.79 -15.81
CA GLU A 204 29.31 7.09 -15.30
C GLU A 204 28.66 7.39 -13.95
N VAL A 205 27.35 7.18 -13.84
CA VAL A 205 26.65 7.48 -12.58
C VAL A 205 26.99 6.44 -11.51
N HIS A 206 27.08 5.15 -11.88
CA HIS A 206 27.45 4.14 -10.88
C HIS A 206 28.80 4.47 -10.27
N ALA A 207 29.77 4.91 -11.09
CA ALA A 207 31.06 5.32 -10.56
C ALA A 207 30.91 6.48 -9.59
N GLU A 208 30.12 7.49 -9.96
CA GLU A 208 29.91 8.63 -9.06
C GLU A 208 29.26 8.19 -7.75
N ILE A 209 28.28 7.28 -7.82
CA ILE A 209 27.63 6.77 -6.61
C ILE A 209 28.66 6.08 -5.71
N ARG A 210 29.50 5.23 -6.30
CA ARG A 210 30.51 4.53 -5.53
C ARG A 210 31.52 5.51 -4.94
N LYS A 211 31.88 6.56 -5.68
CA LYS A 211 32.80 7.58 -5.12
C LYS A 211 32.12 8.29 -3.95
N TRP A 212 30.82 8.55 -4.08
CA TRP A 212 30.13 9.17 -2.95
C TRP A 212 30.19 8.29 -1.71
N LEU A 213 29.96 6.98 -1.87
CA LEU A 213 30.05 6.07 -0.73
C LEU A 213 31.44 6.10 -0.10
N ALA A 214 32.50 6.13 -0.93
CA ALA A 214 33.86 6.15 -0.41
C ALA A 214 34.18 7.44 0.34
N GLU A 215 33.63 8.57 -0.09
CA GLU A 215 33.96 9.83 0.55
C GLU A 215 33.03 10.18 1.70
N ASN A 216 31.89 9.52 1.79
CA ASN A 216 30.91 9.84 2.81
C ASN A 216 30.60 8.69 3.76
N VAL A 217 30.95 7.44 3.41
CA VAL A 217 30.70 6.33 4.31
C VAL A 217 32.02 5.68 4.70
N SER A 218 32.64 4.98 3.76
CA SER A 218 33.95 4.35 3.98
C SER A 218 34.40 3.75 2.66
N ALA A 219 35.70 3.50 2.56
CA ALA A 219 36.22 2.83 1.38
C ALA A 219 35.68 1.41 1.28
N GLU A 220 35.41 0.78 2.42
CA GLU A 220 34.98 -0.61 2.44
C GLU A 220 33.52 -0.74 2.01
N VAL A 221 32.66 0.12 2.53
CA VAL A 221 31.27 0.15 2.05
C VAL A 221 31.25 0.38 0.54
N ALA A 222 32.05 1.36 0.08
CA ALA A 222 32.12 1.63 -1.36
C ALA A 222 32.52 0.38 -2.14
N GLU A 223 33.55 -0.34 -1.65
CA GLU A 223 34.01 -1.55 -2.34
C GLU A 223 33.00 -2.69 -2.23
N SER A 224 32.18 -2.72 -1.18
CA SER A 224 31.33 -3.87 -0.86
C SER A 224 29.92 -3.76 -1.42
N THR A 225 29.40 -2.54 -1.60
CA THR A 225 28.00 -2.33 -1.89
C THR A 225 27.68 -2.59 -3.36
N ARG A 226 26.72 -3.46 -3.61
CA ARG A 226 26.23 -3.67 -4.97
C ARG A 226 25.45 -2.45 -5.45
N ILE A 227 25.81 -1.95 -6.62
CA ILE A 227 25.08 -0.87 -7.27
C ILE A 227 24.50 -1.46 -8.56
N ILE A 228 23.19 -1.67 -8.58
CA ILE A 228 22.54 -2.34 -9.70
C ILE A 228 21.85 -1.30 -10.57
N TYR A 229 21.73 -1.62 -11.86
CA TYR A 229 21.17 -0.69 -12.84
C TYR A 229 19.68 -0.95 -12.99
N GLY A 230 18.88 0.11 -12.80
CA GLY A 230 17.44 -0.01 -12.84
C GLY A 230 16.75 0.76 -13.95
N GLY A 231 17.44 0.97 -15.06
CA GLY A 231 16.78 1.45 -16.26
C GLY A 231 16.07 0.31 -16.98
N SER A 232 15.79 0.54 -18.26
CA SER A 232 15.10 -0.44 -19.10
C SER A 232 16.05 -1.60 -19.41
N VAL A 233 15.87 -2.72 -18.72
CA VAL A 233 16.71 -3.90 -18.88
C VAL A 233 15.91 -4.98 -19.59
N ASN A 234 16.56 -5.60 -20.58
CA ASN A 234 15.93 -6.72 -21.31
C ASN A 234 17.05 -7.66 -21.79
N GLY A 235 16.71 -8.69 -22.55
CA GLY A 235 17.71 -9.68 -23.00
C GLY A 235 18.86 -9.11 -23.83
N GLY A 236 18.67 -7.97 -24.48
CA GLY A 236 19.72 -7.43 -25.38
C GLY A 236 20.86 -6.71 -24.68
N ASN A 237 20.56 -5.99 -23.59
CA ASN A 237 21.60 -5.13 -22.96
C ASN A 237 22.28 -5.82 -21.78
N CYS A 238 21.70 -6.91 -21.27
CA CYS A 238 22.24 -7.52 -20.03
C CYS A 238 23.77 -7.58 -20.06
N LYS A 239 24.35 -8.32 -21.01
CA LYS A 239 25.82 -8.59 -20.95
C LYS A 239 26.64 -7.31 -21.10
N GLU A 240 26.23 -6.40 -21.96
CA GLU A 240 26.97 -5.15 -22.11
C GLU A 240 26.95 -4.34 -20.83
N LEU A 241 25.81 -4.25 -20.17
CA LEU A 241 25.76 -3.51 -18.90
C LEU A 241 26.53 -4.23 -17.81
N ALA A 242 26.36 -5.56 -17.72
CA ALA A 242 27.07 -6.32 -16.69
C ALA A 242 28.58 -6.17 -16.81
N LYS A 243 29.08 -5.92 -18.03
CA LYS A 243 30.51 -5.76 -18.24
C LYS A 243 31.06 -4.49 -17.62
N GLN A 244 30.23 -3.47 -17.39
CA GLN A 244 30.75 -2.23 -16.85
C GLN A 244 31.30 -2.45 -15.44
N PRO A 245 32.45 -1.87 -15.10
CA PRO A 245 33.12 -2.24 -13.84
C PRO A 245 32.29 -1.96 -12.60
N ASP A 246 31.45 -0.91 -12.61
CA ASP A 246 30.72 -0.51 -11.42
C ASP A 246 29.23 -0.86 -11.49
N ILE A 247 28.81 -1.65 -12.47
CA ILE A 247 27.45 -2.16 -12.54
C ILE A 247 27.45 -3.58 -11.97
N ASP A 248 26.71 -3.79 -10.88
CA ASP A 248 26.72 -5.05 -10.13
C ASP A 248 25.47 -5.90 -10.31
N GLY A 249 24.66 -5.63 -11.31
CA GLY A 249 23.41 -6.34 -11.52
C GLY A 249 22.33 -5.39 -11.97
N PHE A 250 21.07 -5.81 -11.82
CA PHE A 250 19.94 -5.11 -12.41
C PHE A 250 18.76 -5.08 -11.45
N LEU A 251 17.97 -4.02 -11.56
CA LEU A 251 16.59 -4.00 -11.07
C LEU A 251 15.71 -3.96 -12.30
N VAL A 252 15.05 -5.08 -12.60
CA VAL A 252 14.33 -5.28 -13.85
C VAL A 252 12.86 -4.95 -13.65
N GLY A 253 12.30 -4.18 -14.58
CA GLY A 253 10.88 -3.86 -14.56
C GLY A 253 10.04 -4.83 -15.38
N GLY A 254 9.57 -4.39 -16.55
CA GLY A 254 8.60 -5.18 -17.29
C GLY A 254 9.10 -6.56 -17.70
N ALA A 255 10.38 -6.68 -18.04
CA ALA A 255 10.91 -7.97 -18.46
C ALA A 255 10.87 -9.01 -17.33
N SER A 256 10.69 -8.56 -16.08
CA SER A 256 10.62 -9.52 -14.97
C SER A 256 9.33 -10.32 -14.97
N LEU A 257 8.34 -9.92 -15.77
CA LEU A 257 7.10 -10.68 -15.93
C LEU A 257 7.21 -11.76 -16.99
N LYS A 258 8.32 -11.80 -17.71
CA LYS A 258 8.51 -12.61 -18.90
C LYS A 258 9.54 -13.71 -18.67
N PRO A 259 9.49 -14.79 -19.46
CA PRO A 259 10.54 -15.81 -19.36
C PRO A 259 11.94 -15.25 -19.57
N GLU A 260 12.05 -14.09 -20.21
CA GLU A 260 13.38 -13.48 -20.49
C GLU A 260 14.07 -13.03 -19.20
N PHE A 261 13.33 -12.89 -18.11
CA PHE A 261 13.96 -12.61 -16.82
C PHE A 261 15.09 -13.59 -16.52
N VAL A 262 14.90 -14.86 -16.89
CA VAL A 262 15.95 -15.88 -16.69
C VAL A 262 17.18 -15.56 -17.50
N ASP A 263 17.00 -15.11 -18.76
CA ASP A 263 18.14 -14.71 -19.57
C ASP A 263 18.90 -13.55 -18.92
N ILE A 264 18.18 -12.66 -18.22
CA ILE A 264 18.81 -11.53 -17.55
C ILE A 264 19.60 -11.97 -16.33
N ILE A 265 19.05 -12.90 -15.56
CA ILE A 265 19.80 -13.43 -14.37
C ILE A 265 21.17 -13.98 -14.79
N ASN A 266 21.26 -14.61 -15.94
CA ASN A 266 22.51 -15.29 -16.36
C ASN A 266 23.41 -14.38 -17.20
N ALA A 267 23.40 -13.07 -16.97
CA ALA A 267 24.16 -12.13 -17.83
C ALA A 267 25.68 -12.35 -17.78
N LYS A 268 26.24 -12.73 -16.64
CA LYS A 268 27.72 -12.85 -16.54
C LYS A 268 28.16 -14.18 -17.13
N GLN A 269 27.22 -14.91 -17.75
CA GLN A 269 27.55 -16.22 -18.38
C GLN A 269 27.19 -16.13 -19.87
N ALA B 22 -35.69 -0.83 4.65
CA ALA B 22 -34.86 -0.44 5.81
C ALA B 22 -33.39 -0.67 5.46
N ARG B 23 -32.55 0.30 5.81
CA ARG B 23 -31.14 0.17 5.49
C ARG B 23 -30.49 -0.86 6.39
N LYS B 24 -29.83 -1.84 5.78
CA LYS B 24 -29.15 -2.90 6.53
C LYS B 24 -28.00 -2.31 7.34
N PHE B 25 -28.01 -2.56 8.65
CA PHE B 25 -26.94 -2.10 9.52
C PHE B 25 -25.61 -2.70 9.05
N PHE B 26 -24.55 -1.90 9.12
CA PHE B 26 -23.26 -2.22 8.48
C PHE B 26 -22.14 -1.92 9.46
N VAL B 27 -21.34 -2.92 9.80
CA VAL B 27 -20.24 -2.71 10.76
C VAL B 27 -18.93 -3.15 10.09
N GLY B 28 -18.05 -2.18 9.87
CA GLY B 28 -16.73 -2.42 9.28
C GLY B 28 -15.67 -2.30 10.36
N GLY B 29 -14.68 -3.19 10.29
CA GLY B 29 -13.56 -3.12 11.20
C GLY B 29 -12.29 -2.84 10.44
N ASN B 30 -11.68 -1.69 10.70
CA ASN B 30 -10.45 -1.28 10.02
C ASN B 30 -9.29 -1.57 10.93
N TRP B 31 -8.54 -2.64 10.62
CA TRP B 31 -7.39 -3.03 11.43
C TRP B 31 -6.21 -2.06 11.27
N LYS B 32 -6.21 -1.25 10.23
CA LYS B 32 -5.12 -0.31 9.91
C LYS B 32 -3.80 -1.11 9.86
N MET B 33 -2.68 -0.52 10.27
CA MET B 33 -1.41 -1.23 10.13
C MET B 33 -1.14 -2.05 11.40
N ASN B 34 -1.90 -3.13 11.53
CA ASN B 34 -1.86 -3.97 12.72
C ASN B 34 -2.15 -5.40 12.32
N GLY B 35 -1.40 -6.33 12.90
CA GLY B 35 -1.65 -7.75 12.72
C GLY B 35 -0.40 -8.57 12.52
N SER B 36 -0.44 -9.80 13.02
CA SER B 36 0.55 -10.83 12.72
C SER B 36 -0.23 -12.11 12.43
N VAL B 37 0.45 -13.11 11.88
CA VAL B 37 -0.22 -14.40 11.67
C VAL B 37 -0.88 -14.88 12.97
N GLU B 38 -0.14 -14.78 14.08
CA GLU B 38 -0.64 -15.29 15.34
C GLU B 38 -1.78 -14.43 15.91
N SER B 39 -1.63 -13.10 15.88
CA SER B 39 -2.70 -12.29 16.46
C SER B 39 -3.95 -12.34 15.59
N ILE B 40 -3.78 -12.49 14.27
CA ILE B 40 -4.92 -12.57 13.37
C ILE B 40 -5.66 -13.89 13.57
N LYS B 41 -4.91 -14.99 13.77
CA LYS B 41 -5.55 -16.27 14.05
C LYS B 41 -6.40 -16.20 15.31
N SER B 42 -5.88 -15.54 16.35
CA SER B 42 -6.66 -15.39 17.59
C SER B 42 -7.87 -14.49 17.39
N LEU B 43 -7.70 -13.41 16.63
CA LEU B 43 -8.82 -12.52 16.36
C LEU B 43 -9.90 -13.23 15.55
N VAL B 44 -9.49 -14.00 14.54
CA VAL B 44 -10.44 -14.67 13.66
C VAL B 44 -11.15 -15.81 14.39
N GLU B 45 -10.43 -16.53 15.26
CA GLU B 45 -11.08 -17.56 16.06
C GLU B 45 -12.20 -16.99 16.91
N THR B 46 -11.96 -15.85 17.56
CA THR B 46 -13.01 -15.20 18.34
C THR B 46 -14.24 -14.88 17.49
N LEU B 47 -14.04 -14.33 16.28
CA LEU B 47 -15.16 -14.00 15.42
C LEU B 47 -15.89 -15.25 14.95
N ASN B 48 -15.13 -16.31 14.63
CA ASN B 48 -15.74 -17.56 14.18
C ASN B 48 -16.59 -18.20 15.28
N ASN B 49 -16.24 -17.97 16.54
CA ASN B 49 -16.97 -18.55 17.67
C ASN B 49 -18.08 -17.65 18.20
N ALA B 50 -18.23 -16.43 17.65
CA ALA B 50 -19.15 -15.45 18.22
C ALA B 50 -20.57 -15.64 17.71
N GLU B 51 -21.53 -15.24 18.54
CA GLU B 51 -22.94 -15.17 18.16
C GLU B 51 -23.22 -13.78 17.62
N LEU B 52 -23.48 -13.66 16.32
CA LEU B 52 -23.54 -12.38 15.64
C LEU B 52 -24.97 -12.08 15.18
N ASP B 53 -25.38 -10.83 15.34
CA ASP B 53 -26.67 -10.35 14.86
C ASP B 53 -26.81 -10.68 13.38
N PRO B 54 -27.78 -11.50 12.99
CA PRO B 54 -27.83 -11.97 11.60
C PRO B 54 -28.21 -10.92 10.57
N ASN B 55 -28.75 -9.79 11.01
CA ASN B 55 -29.18 -8.74 10.06
C ASN B 55 -28.09 -7.66 9.91
N VAL B 56 -26.90 -7.91 10.44
CA VAL B 56 -25.80 -6.95 10.31
C VAL B 56 -24.88 -7.40 9.20
N GLU B 57 -24.54 -6.48 8.30
CA GLU B 57 -23.52 -6.73 7.29
C GLU B 57 -22.17 -6.38 7.92
N VAL B 58 -21.25 -7.36 7.95
CA VAL B 58 -19.97 -7.21 8.63
C VAL B 58 -18.83 -7.31 7.62
N VAL B 59 -17.89 -6.38 7.69
CA VAL B 59 -16.73 -6.35 6.82
C VAL B 59 -15.48 -6.10 7.66
N ILE B 60 -14.42 -6.86 7.39
CA ILE B 60 -13.13 -6.76 8.08
C ILE B 60 -12.04 -6.37 7.08
N ALA B 61 -11.20 -5.41 7.46
CA ALA B 61 -10.16 -4.87 6.57
C ALA B 61 -8.77 -5.09 7.15
N PRO B 62 -8.12 -6.21 6.85
CA PRO B 62 -6.76 -6.45 7.37
C PRO B 62 -5.73 -5.78 6.49
N PRO B 63 -4.47 -5.72 6.93
CA PRO B 63 -3.42 -5.26 6.02
C PRO B 63 -3.37 -6.14 4.78
N ALA B 64 -2.88 -5.56 3.68
CA ALA B 64 -2.95 -6.22 2.38
C ALA B 64 -2.24 -7.58 2.38
N VAL B 65 -1.11 -7.70 3.08
CA VAL B 65 -0.37 -8.96 3.05
C VAL B 65 -1.08 -10.10 3.77
N TYR B 66 -2.10 -9.81 4.56
CA TYR B 66 -2.86 -10.84 5.25
C TYR B 66 -4.24 -11.07 4.65
N LEU B 67 -4.55 -10.48 3.50
CA LEU B 67 -5.89 -10.66 2.91
C LEU B 67 -6.18 -12.11 2.55
N PRO B 68 -5.29 -12.85 1.88
CA PRO B 68 -5.58 -14.28 1.68
C PRO B 68 -5.73 -15.06 2.97
N LEU B 69 -4.87 -14.81 3.96
CA LEU B 69 -4.95 -15.54 5.22
C LEU B 69 -6.31 -15.35 5.86
N VAL B 70 -6.78 -14.10 5.94
CA VAL B 70 -8.07 -13.81 6.57
C VAL B 70 -9.21 -14.38 5.75
N ARG B 71 -9.16 -14.21 4.44
CA ARG B 71 -10.27 -14.68 3.59
C ARG B 71 -10.41 -16.21 3.69
N GLU B 72 -9.30 -16.92 3.89
CA GLU B 72 -9.37 -18.38 3.95
C GLU B 72 -9.81 -18.89 5.32
N ALA B 73 -9.52 -18.16 6.40
CA ALA B 73 -9.82 -18.62 7.75
C ALA B 73 -11.16 -18.12 8.29
N LEU B 74 -11.70 -17.04 7.75
CA LEU B 74 -12.85 -16.35 8.35
C LEU B 74 -14.18 -16.87 7.86
N ARG B 75 -15.14 -17.01 8.80
CA ARG B 75 -16.51 -17.37 8.47
C ARG B 75 -17.04 -16.58 7.28
N LYS B 76 -17.76 -17.27 6.40
CA LYS B 76 -18.12 -16.74 5.08
C LYS B 76 -19.17 -15.63 5.14
N ASP B 77 -19.90 -15.47 6.25
CA ASP B 77 -20.86 -14.39 6.33
C ASP B 77 -20.20 -13.04 6.61
N ILE B 78 -18.95 -13.01 7.06
CA ILE B 78 -18.16 -11.78 7.15
C ILE B 78 -17.31 -11.65 5.89
N GLN B 79 -17.40 -10.50 5.23
CA GLN B 79 -16.63 -10.25 4.03
C GLN B 79 -15.36 -9.46 4.35
N VAL B 80 -14.42 -9.50 3.42
CA VAL B 80 -13.10 -8.92 3.62
C VAL B 80 -12.93 -7.68 2.74
N ALA B 81 -12.21 -6.69 3.27
CA ALA B 81 -11.93 -5.45 2.56
C ALA B 81 -10.43 -5.19 2.54
N ALA B 82 -9.97 -4.61 1.44
CA ALA B 82 -8.68 -3.95 1.44
C ALA B 82 -8.82 -2.55 2.03
N GLN B 83 -7.70 -2.05 2.55
CA GLN B 83 -7.65 -0.73 3.16
C GLN B 83 -7.35 0.36 2.14
N ASN B 84 -7.08 0.01 0.88
CA ASN B 84 -6.73 0.97 -0.18
C ASN B 84 -6.50 0.21 -1.49
N CYS B 85 -6.66 0.91 -2.60
CA CYS B 85 -6.22 0.43 -3.91
C CYS B 85 -5.93 1.63 -4.80
N TYR B 86 -5.39 1.39 -5.99
CA TYR B 86 -5.01 2.47 -6.91
C TYR B 86 -6.04 2.52 -8.04
N THR B 87 -5.74 3.27 -9.12
CA THR B 87 -6.74 3.68 -10.10
C THR B 87 -6.72 2.90 -11.41
N LYS B 88 -5.86 1.93 -11.61
CA LYS B 88 -5.88 1.27 -12.90
C LYS B 88 -5.87 -0.23 -12.64
N ALA B 89 -5.95 -1.03 -13.69
CA ALA B 89 -5.96 -2.47 -13.50
C ALA B 89 -4.55 -3.02 -13.31
N SER B 90 -3.58 -2.48 -14.04
CA SER B 90 -2.20 -2.90 -13.95
C SER B 90 -1.32 -1.75 -14.41
N GLY B 91 -0.04 -1.81 -14.05
CA GLY B 91 0.91 -0.91 -14.67
C GLY B 91 2.07 -0.58 -13.75
N ALA B 92 2.79 0.48 -14.13
CA ALA B 92 4.09 0.80 -13.52
C ALA B 92 3.88 1.70 -12.30
N TYR B 93 3.38 1.07 -11.23
CA TYR B 93 2.99 1.75 -9.99
C TYR B 93 3.51 0.91 -8.81
N THR B 94 4.82 0.92 -8.63
CA THR B 94 5.46 0.13 -7.56
C THR B 94 4.83 0.43 -6.21
N GLY B 95 4.42 -0.65 -5.52
CA GLY B 95 3.83 -0.52 -4.21
C GLY B 95 2.32 -0.40 -4.19
N GLU B 96 1.66 -0.32 -5.35
CA GLU B 96 0.20 -0.19 -5.43
C GLU B 96 -0.46 -1.52 -5.79
N ILE B 97 -1.70 -1.68 -5.34
N ILE B 97 -1.71 -1.64 -5.35
CA ILE B 97 -2.57 -2.81 -5.67
CA ILE B 97 -2.52 -2.83 -5.72
C ILE B 97 -3.76 -2.29 -6.47
C ILE B 97 -3.74 -2.31 -6.47
N SER B 98 -4.29 -3.12 -7.35
CA SER B 98 -5.44 -2.74 -8.15
C SER B 98 -6.70 -3.47 -7.71
N ALA B 99 -7.85 -2.89 -8.06
CA ALA B 99 -9.13 -3.54 -7.79
C ALA B 99 -9.27 -4.88 -8.51
N GLU B 100 -8.66 -5.01 -9.70
CA GLU B 100 -8.67 -6.30 -10.39
C GLU B 100 -8.01 -7.39 -9.55
N MET B 101 -6.90 -7.06 -8.87
CA MET B 101 -6.25 -8.01 -7.98
C MET B 101 -7.14 -8.41 -6.83
N LEU B 102 -7.86 -7.45 -6.25
CA LEU B 102 -8.78 -7.74 -5.16
C LEU B 102 -9.88 -8.69 -5.63
N LYS B 103 -10.46 -8.40 -6.80
CA LYS B 103 -11.46 -9.27 -7.39
C LYS B 103 -10.88 -10.66 -7.64
N ASP B 104 -9.66 -10.73 -8.18
CA ASP B 104 -8.96 -11.98 -8.42
C ASP B 104 -8.88 -12.83 -7.15
N LEU B 105 -8.64 -12.20 -6.00
CA LEU B 105 -8.47 -12.91 -4.74
C LEU B 105 -9.78 -13.05 -3.97
N GLY B 106 -10.91 -12.65 -4.56
CA GLY B 106 -12.17 -12.78 -3.85
C GLY B 106 -12.34 -11.77 -2.72
N ILE B 107 -11.76 -10.58 -2.86
CA ILE B 107 -11.92 -9.49 -1.89
C ILE B 107 -12.97 -8.54 -2.45
N PRO B 108 -14.19 -8.54 -1.93
CA PRO B 108 -15.27 -7.76 -2.53
C PRO B 108 -15.37 -6.31 -2.11
N TRP B 109 -14.56 -5.83 -1.16
CA TRP B 109 -14.69 -4.50 -0.60
C TRP B 109 -13.35 -3.78 -0.58
N VAL B 110 -13.41 -2.45 -0.63
CA VAL B 110 -12.21 -1.64 -0.42
C VAL B 110 -12.59 -0.36 0.31
N ILE B 111 -11.76 0.05 1.26
CA ILE B 111 -11.87 1.35 1.93
C ILE B 111 -11.11 2.37 1.11
N LEU B 112 -11.74 3.51 0.81
CA LEU B 112 -11.11 4.54 0.00
C LEU B 112 -11.33 5.91 0.63
N GLY B 113 -10.31 6.75 0.58
CA GLY B 113 -10.47 8.08 1.11
C GLY B 113 -10.41 8.16 2.61
N HIS B 114 -9.88 7.13 3.29
CA HIS B 114 -9.70 7.21 4.73
C HIS B 114 -8.92 8.47 5.08
N SER B 115 -9.31 9.12 6.18
CA SER B 115 -8.69 10.41 6.53
C SER B 115 -7.18 10.26 6.67
N GLU B 116 -6.69 9.09 7.10
CA GLU B 116 -5.24 8.91 7.18
C GLU B 116 -4.59 8.97 5.80
N ARG B 117 -5.27 8.46 4.78
CA ARG B 117 -4.71 8.51 3.43
C ARG B 117 -4.84 9.90 2.84
N ARG B 118 -5.95 10.61 3.13
CA ARG B 118 -6.09 11.99 2.67
C ARG B 118 -5.05 12.90 3.32
N HIS B 119 -4.80 12.72 4.60
CA HIS B 119 -3.90 13.61 5.33
C HIS B 119 -2.45 13.16 5.23
N ILE B 120 -2.13 11.96 5.73
CA ILE B 120 -0.73 11.57 5.79
C ILE B 120 -0.15 11.42 4.39
N PHE B 121 -0.91 10.80 3.48
CA PHE B 121 -0.43 10.51 2.14
C PHE B 121 -0.98 11.45 1.08
N GLY B 122 -1.67 12.52 1.51
CA GLY B 122 -2.01 13.60 0.60
C GLY B 122 -2.94 13.25 -0.52
N GLU B 123 -3.80 12.25 -0.35
CA GLU B 123 -4.68 11.86 -1.44
C GLU B 123 -5.74 12.94 -1.67
N SER B 124 -5.83 13.38 -2.92
CA SER B 124 -6.72 14.47 -3.31
C SER B 124 -8.17 14.00 -3.44
N ASP B 125 -9.11 14.95 -3.39
CA ASP B 125 -10.51 14.58 -3.62
C ASP B 125 -10.67 13.86 -4.95
N GLU B 126 -10.02 14.36 -6.01
CA GLU B 126 -10.13 13.74 -7.33
C GLU B 126 -9.54 12.34 -7.37
N LEU B 127 -8.40 12.12 -6.69
CA LEU B 127 -7.83 10.79 -6.65
C LEU B 127 -8.78 9.80 -5.98
N VAL B 128 -9.35 10.19 -4.83
CA VAL B 128 -10.30 9.31 -4.16
C VAL B 128 -11.48 9.01 -5.09
N ALA B 129 -11.92 10.02 -5.85
CA ALA B 129 -13.03 9.83 -6.80
C ALA B 129 -12.64 8.88 -7.93
N GLU B 130 -11.44 9.04 -8.48
CA GLU B 130 -10.96 8.13 -9.54
C GLU B 130 -10.89 6.69 -8.99
N LYS B 131 -10.26 6.53 -7.83
CA LYS B 131 -10.18 5.19 -7.23
C LYS B 131 -11.56 4.59 -7.02
N THR B 132 -12.52 5.41 -6.58
CA THR B 132 -13.86 4.90 -6.33
C THR B 132 -14.51 4.41 -7.62
N LYS B 133 -14.42 5.23 -8.68
CA LYS B 133 -14.99 4.82 -9.96
C LYS B 133 -14.36 3.53 -10.46
N TYR B 134 -13.02 3.42 -10.39
N TYR B 134 -13.02 3.45 -10.40
CA TYR B 134 -12.40 2.22 -10.94
CA TYR B 134 -12.33 2.26 -10.89
C TYR B 134 -12.75 0.98 -10.12
C TYR B 134 -12.73 1.00 -10.12
N ALA B 135 -12.78 1.09 -8.79
CA ALA B 135 -13.16 -0.06 -7.97
C ALA B 135 -14.59 -0.51 -8.27
N LEU B 136 -15.51 0.44 -8.41
CA LEU B 136 -16.88 0.10 -8.75
C LEU B 136 -16.95 -0.60 -10.11
N ASP B 137 -16.27 -0.04 -11.12
CA ASP B 137 -16.28 -0.63 -12.46
C ASP B 137 -15.61 -2.00 -12.50
N SER B 138 -14.67 -2.25 -11.57
CA SER B 138 -13.99 -3.54 -11.47
C SER B 138 -14.75 -4.53 -10.61
N GLY B 139 -15.97 -4.20 -10.19
CA GLY B 139 -16.83 -5.12 -9.48
C GLY B 139 -16.82 -5.07 -7.97
N LEU B 140 -16.07 -4.14 -7.36
CA LEU B 140 -16.01 -4.06 -5.90
C LEU B 140 -17.11 -3.16 -5.34
N SER B 141 -17.35 -3.32 -4.03
CA SER B 141 -18.07 -2.34 -3.24
C SER B 141 -17.05 -1.46 -2.49
N VAL B 142 -17.47 -0.23 -2.16
CA VAL B 142 -16.56 0.78 -1.66
C VAL B 142 -17.10 1.33 -0.35
N ILE B 143 -16.25 1.34 0.68
CA ILE B 143 -16.50 2.13 1.88
C ILE B 143 -15.81 3.47 1.65
N LEU B 144 -16.59 4.50 1.39
CA LEU B 144 -16.09 5.80 1.00
C LEU B 144 -16.03 6.71 2.22
N CYS B 145 -14.82 7.15 2.58
CA CYS B 145 -14.63 7.92 3.82
C CYS B 145 -14.53 9.41 3.53
N ILE B 146 -15.21 10.20 4.39
CA ILE B 146 -15.24 11.65 4.30
C ILE B 146 -15.21 12.22 5.70
N GLY B 147 -14.92 13.50 5.81
CA GLY B 147 -14.97 14.15 7.11
C GLY B 147 -14.07 15.37 7.18
N GLU B 148 -14.39 16.25 8.13
CA GLU B 148 -13.77 17.57 8.24
C GLU B 148 -12.85 17.62 9.44
N THR B 149 -11.78 18.42 9.33
CA THR B 149 -10.80 18.60 10.40
C THR B 149 -11.33 19.52 11.48
N LEU B 150 -10.54 19.69 12.55
CA LEU B 150 -10.91 20.63 13.60
C LEU B 150 -11.01 22.06 13.08
N GLU B 151 -10.03 22.49 12.27
CA GLU B 151 -10.03 23.86 11.76
C GLU B 151 -11.24 24.10 10.87
N GLU B 152 -11.58 23.12 10.03
CA GLU B 152 -12.74 23.25 9.17
C GLU B 152 -14.02 23.34 9.99
N ARG B 153 -14.14 22.54 11.04
CA ARG B 153 -15.34 22.57 11.85
C ARG B 153 -15.49 23.89 12.61
N GLU B 154 -14.41 24.36 13.26
CA GLU B 154 -14.50 25.62 14.00
C GLU B 154 -14.67 26.82 13.09
N ALA B 155 -14.24 26.73 11.83
CA ALA B 155 -14.52 27.76 10.85
C ALA B 155 -15.90 27.62 10.22
N GLY B 156 -16.71 26.67 10.70
CA GLY B 156 -18.08 26.53 10.24
C GLY B 156 -18.26 25.83 8.91
N LYS B 157 -17.27 25.04 8.46
CA LYS B 157 -17.29 24.50 7.10
C LYS B 157 -17.53 23.00 7.05
N THR B 158 -18.13 22.44 8.10
CA THR B 158 -18.40 21.00 8.13
C THR B 158 -19.14 20.57 6.88
N MET B 159 -20.20 21.30 6.54
CA MET B 159 -21.01 20.89 5.40
C MET B 159 -20.36 21.22 4.07
N ASP B 160 -19.61 22.33 3.99
CA ASP B 160 -18.91 22.64 2.75
C ASP B 160 -17.88 21.57 2.44
N VAL B 161 -17.19 21.07 3.47
CA VAL B 161 -16.17 20.04 3.28
C VAL B 161 -16.80 18.72 2.85
N VAL B 162 -17.86 18.27 3.53
CA VAL B 162 -18.36 16.95 3.14
C VAL B 162 -19.08 17.03 1.81
N ALA B 163 -19.75 18.17 1.51
CA ALA B 163 -20.35 18.33 0.19
C ALA B 163 -19.28 18.27 -0.90
N ARG B 164 -18.15 18.96 -0.69
CA ARG B 164 -17.07 18.95 -1.67
C ARG B 164 -16.50 17.55 -1.84
N GLN B 165 -16.29 16.84 -0.74
CA GLN B 165 -15.70 15.50 -0.84
C GLN B 165 -16.66 14.54 -1.53
N LEU B 166 -17.96 14.69 -1.27
CA LEU B 166 -18.94 13.83 -1.95
C LEU B 166 -19.14 14.24 -3.40
N LYS B 167 -19.11 15.54 -3.71
CA LYS B 167 -19.35 15.99 -5.10
C LYS B 167 -18.33 15.37 -6.06
N ALA B 168 -17.08 15.25 -5.61
CA ALA B 168 -16.01 14.71 -6.47
C ALA B 168 -16.37 13.29 -6.94
N ILE B 169 -16.90 12.48 -6.03
CA ILE B 169 -17.34 11.11 -6.42
C ILE B 169 -18.60 11.24 -7.29
N ALA B 170 -19.57 12.01 -6.81
CA ALA B 170 -20.82 12.10 -7.56
C ALA B 170 -20.56 12.46 -9.02
N ASP B 171 -19.57 13.32 -9.26
CA ASP B 171 -19.25 13.77 -10.61
C ASP B 171 -18.65 12.67 -11.48
N LYS B 172 -18.13 11.60 -10.88
CA LYS B 172 -17.49 10.51 -11.63
C LYS B 172 -18.31 9.22 -11.72
N ILE B 173 -19.16 8.93 -10.74
CA ILE B 173 -19.88 7.65 -10.73
C ILE B 173 -21.34 7.88 -11.11
N THR B 174 -21.97 6.83 -11.60
CA THR B 174 -23.36 6.92 -12.04
C THR B 174 -24.30 6.81 -10.84
N GLU B 175 -25.58 7.07 -11.09
CA GLU B 175 -26.58 6.91 -10.04
C GLU B 175 -26.62 5.47 -9.56
N ASN B 176 -26.65 4.50 -10.48
CA ASN B 176 -26.60 3.09 -10.10
C ASN B 176 -25.31 2.72 -9.38
N ASP B 177 -24.20 3.42 -9.67
CA ASP B 177 -22.95 3.09 -9.01
C ASP B 177 -23.06 3.23 -7.49
N TRP B 178 -23.86 4.18 -7.02
CA TRP B 178 -24.01 4.43 -5.58
C TRP B 178 -24.56 3.22 -4.82
N SER B 179 -25.25 2.30 -5.48
CA SER B 179 -25.82 1.16 -4.75
C SER B 179 -24.73 0.31 -4.07
N LYS B 180 -23.49 0.37 -4.56
CA LYS B 180 -22.41 -0.42 -3.94
C LYS B 180 -21.43 0.47 -3.20
N VAL B 181 -21.91 1.60 -2.68
CA VAL B 181 -21.12 2.53 -1.88
C VAL B 181 -21.71 2.59 -0.47
N VAL B 182 -20.84 2.57 0.52
CA VAL B 182 -21.19 2.90 1.90
C VAL B 182 -20.36 4.11 2.28
N ILE B 183 -21.00 5.14 2.83
CA ILE B 183 -20.30 6.36 3.24
C ILE B 183 -19.97 6.26 4.72
N ALA B 184 -18.69 6.46 5.05
CA ALA B 184 -18.20 6.49 6.43
C ALA B 184 -17.86 7.94 6.77
N TYR B 185 -18.58 8.52 7.73
CA TYR B 185 -18.27 9.86 8.22
C TYR B 185 -17.21 9.77 9.32
N GLU B 186 -16.06 10.38 9.08
CA GLU B 186 -15.00 10.45 10.08
C GLU B 186 -14.97 11.84 10.69
N PRO B 187 -15.31 12.02 11.95
CA PRO B 187 -15.12 13.34 12.57
C PRO B 187 -13.64 13.58 12.84
N VAL B 188 -12.88 13.93 11.80
CA VAL B 188 -11.44 14.15 11.98
C VAL B 188 -11.17 15.15 13.09
N TRP B 189 -12.07 16.08 13.28
CA TRP B 189 -11.98 17.06 14.36
C TRP B 189 -11.99 16.42 15.75
N ALA B 190 -12.44 15.18 15.87
CA ALA B 190 -12.48 14.49 17.15
C ALA B 190 -11.58 13.27 17.17
N ILE B 191 -10.59 13.25 16.27
CA ILE B 191 -9.60 12.18 16.20
C ILE B 191 -8.23 12.82 16.40
N GLY B 192 -7.57 12.47 17.51
CA GLY B 192 -6.28 13.02 17.82
C GLY B 192 -6.29 14.40 18.44
N THR B 193 -7.45 15.04 18.55
CA THR B 193 -7.56 16.37 19.13
C THR B 193 -7.90 16.34 20.61
N GLY B 194 -8.10 15.15 21.18
CA GLY B 194 -8.63 15.03 22.50
C GLY B 194 -10.10 15.36 22.64
N LYS B 195 -10.75 15.90 21.60
CA LYS B 195 -12.18 16.17 21.67
C LYS B 195 -12.98 14.88 21.52
N VAL B 196 -14.19 14.88 22.07
CA VAL B 196 -15.12 13.76 21.99
C VAL B 196 -16.40 14.24 21.31
N ALA B 197 -16.84 13.50 20.29
CA ALA B 197 -18.08 13.81 19.59
C ALA B 197 -19.25 13.12 20.29
N THR B 198 -20.34 13.86 20.50
CA THR B 198 -21.51 13.23 21.10
C THR B 198 -22.32 12.53 20.02
N PRO B 199 -23.19 11.59 20.40
CA PRO B 199 -24.10 11.01 19.39
C PRO B 199 -24.95 12.05 18.71
N GLU B 200 -25.29 13.11 19.44
CA GLU B 200 -26.10 14.18 18.87
C GLU B 200 -25.34 14.89 17.75
N GLN B 201 -24.06 15.18 17.99
CA GLN B 201 -23.24 15.82 16.97
C GLN B 201 -23.04 14.92 15.77
N ALA B 202 -22.89 13.60 16.00
CA ALA B 202 -22.72 12.69 14.88
C ALA B 202 -24.00 12.56 14.06
N GLN B 203 -25.14 12.43 14.74
CA GLN B 203 -26.43 12.39 14.07
C GLN B 203 -26.65 13.60 13.17
N GLU B 204 -26.23 14.78 13.63
CA GLU B 204 -26.46 16.00 12.86
C GLU B 204 -25.73 15.96 11.52
N VAL B 205 -24.50 15.46 11.52
CA VAL B 205 -23.73 15.39 10.27
C VAL B 205 -24.28 14.28 9.38
N HIS B 206 -24.63 13.14 9.95
CA HIS B 206 -25.19 12.06 9.12
C HIS B 206 -26.47 12.52 8.42
N ALA B 207 -27.34 13.25 9.13
CA ALA B 207 -28.56 13.74 8.50
C ALA B 207 -28.24 14.75 7.40
N GLU B 208 -27.21 15.56 7.60
CA GLU B 208 -26.79 16.51 6.58
C GLU B 208 -26.23 15.79 5.36
N ILE B 209 -25.51 14.69 5.58
CA ILE B 209 -24.99 13.87 4.48
C ILE B 209 -26.14 13.28 3.68
N ARG B 210 -27.13 12.70 4.37
CA ARG B 210 -28.25 12.09 3.65
C ARG B 210 -29.02 13.13 2.83
N LYS B 211 -29.24 14.32 3.38
CA LYS B 211 -29.92 15.37 2.61
C LYS B 211 -29.08 15.82 1.41
N TRP B 212 -27.75 15.86 1.55
CA TRP B 212 -26.91 16.16 0.39
C TRP B 212 -27.15 15.14 -0.72
N LEU B 213 -27.24 13.86 -0.36
CA LEU B 213 -27.54 12.83 -1.36
C LEU B 213 -28.90 13.05 -1.99
N ALA B 214 -29.91 13.36 -1.19
CA ALA B 214 -31.24 13.52 -1.76
C ALA B 214 -31.28 14.69 -2.73
N GLU B 215 -30.52 15.74 -2.48
CA GLU B 215 -30.66 16.93 -3.29
C GLU B 215 -29.67 16.97 -4.45
N ASN B 216 -28.59 16.19 -4.38
CA ASN B 216 -27.57 16.22 -5.42
C ASN B 216 -27.43 14.93 -6.20
N VAL B 217 -27.98 13.81 -5.72
CA VAL B 217 -27.97 12.57 -6.48
C VAL B 217 -29.40 12.15 -6.82
N SER B 218 -30.12 11.59 -5.85
CA SER B 218 -31.51 11.18 -6.10
C SER B 218 -32.18 10.78 -4.79
N ALA B 219 -33.52 10.70 -4.85
CA ALA B 219 -34.28 10.20 -3.71
C ALA B 219 -33.86 8.79 -3.34
N GLU B 220 -33.67 7.93 -4.33
CA GLU B 220 -33.33 6.52 -4.04
C GLU B 220 -31.97 6.44 -3.34
N VAL B 221 -30.99 7.15 -3.86
CA VAL B 221 -29.64 7.03 -3.30
C VAL B 221 -29.62 7.53 -1.86
N ALA B 222 -30.36 8.60 -1.56
CA ALA B 222 -30.41 9.08 -0.18
C ALA B 222 -31.06 8.05 0.74
N GLU B 223 -32.10 7.38 0.26
CA GLU B 223 -32.84 6.45 1.13
C GLU B 223 -32.10 5.13 1.31
N SER B 224 -31.27 4.75 0.34
CA SER B 224 -30.65 3.43 0.34
C SER B 224 -29.23 3.40 0.88
N THR B 225 -28.51 4.53 0.84
CA THR B 225 -27.09 4.54 1.14
C THR B 225 -26.86 4.48 2.65
N ARG B 226 -26.07 3.48 3.06
CA ARG B 226 -25.72 3.40 4.50
C ARG B 226 -24.67 4.47 4.81
N ILE B 227 -24.93 5.29 5.82
CA ILE B 227 -23.94 6.25 6.29
C ILE B 227 -23.51 5.77 7.68
N ILE B 228 -22.27 5.31 7.79
CA ILE B 228 -21.79 4.72 9.03
C ILE B 228 -20.85 5.71 9.73
N TYR B 229 -20.81 5.61 11.05
CA TYR B 229 -20.03 6.55 11.86
C TYR B 229 -18.63 6.02 12.06
N GLY B 230 -17.64 6.83 11.70
CA GLY B 230 -16.26 6.38 11.77
C GLY B 230 -15.44 7.14 12.79
N GLY B 231 -16.10 7.71 13.79
CA GLY B 231 -15.42 8.29 14.93
C GLY B 231 -15.06 7.19 15.90
N SER B 232 -14.76 7.57 17.14
CA SER B 232 -14.35 6.58 18.14
C SER B 232 -15.55 5.73 18.57
N VAL B 233 -15.49 4.44 18.30
CA VAL B 233 -16.58 3.51 18.60
C VAL B 233 -16.03 2.39 19.48
N ASN B 234 -16.69 2.14 20.59
CA ASN B 234 -16.30 1.07 21.50
C ASN B 234 -17.55 0.43 22.10
N GLY B 235 -17.33 -0.65 22.87
CA GLY B 235 -18.43 -1.29 23.56
C GLY B 235 -19.23 -0.35 24.43
N GLY B 236 -18.58 0.69 24.97
CA GLY B 236 -19.28 1.58 25.89
C GLY B 236 -20.23 2.55 25.21
N ASN B 237 -19.98 2.93 23.94
CA ASN B 237 -20.83 3.93 23.29
C ASN B 237 -21.62 3.42 22.09
N CYS B 238 -21.39 2.19 21.63
CA CYS B 238 -21.95 1.76 20.35
C CYS B 238 -23.49 1.69 20.37
N LYS B 239 -24.09 1.34 21.50
CA LYS B 239 -25.55 1.22 21.52
C LYS B 239 -26.22 2.58 21.37
N GLU B 240 -25.71 3.58 22.08
CA GLU B 240 -26.28 4.92 21.98
C GLU B 240 -26.08 5.49 20.59
N LEU B 241 -24.91 5.25 19.97
CA LEU B 241 -24.68 5.74 18.62
C LEU B 241 -25.61 5.06 17.62
N ALA B 242 -25.76 3.73 17.72
CA ALA B 242 -26.59 2.99 16.77
C ALA B 242 -28.05 3.40 16.81
N LYS B 243 -28.51 3.96 17.93
CA LYS B 243 -29.90 4.38 18.02
C LYS B 243 -30.17 5.66 17.25
N GLN B 244 -29.16 6.33 16.75
CA GLN B 244 -29.45 7.59 16.08
C GLN B 244 -30.05 7.32 14.69
N PRO B 245 -31.04 8.11 14.27
CA PRO B 245 -31.86 7.70 13.11
C PRO B 245 -31.10 7.58 11.80
N ASP B 246 -30.02 8.34 11.63
CA ASP B 246 -29.28 8.33 10.38
C ASP B 246 -27.90 7.71 10.50
N ILE B 247 -27.60 7.04 11.61
CA ILE B 247 -26.36 6.28 11.78
C ILE B 247 -26.67 4.83 11.45
N ASP B 248 -26.16 4.35 10.32
CA ASP B 248 -26.44 3.01 9.80
C ASP B 248 -25.38 1.98 10.16
N GLY B 249 -24.50 2.29 11.11
CA GLY B 249 -23.46 1.35 11.47
C GLY B 249 -22.17 2.10 11.76
N PHE B 250 -21.05 1.37 11.70
CA PHE B 250 -19.79 1.92 12.18
C PHE B 250 -18.65 1.54 11.24
N LEU B 251 -17.63 2.39 11.17
CA LEU B 251 -16.29 1.98 10.72
C LEU B 251 -15.41 2.04 11.96
N VAL B 252 -15.09 0.89 12.51
CA VAL B 252 -14.37 0.84 13.81
C VAL B 252 -12.86 0.73 13.63
N GLY B 253 -12.12 1.49 14.42
CA GLY B 253 -10.65 1.40 14.37
C GLY B 253 -10.11 0.42 15.39
N GLY B 254 -9.46 0.95 16.44
CA GLY B 254 -8.79 0.08 17.42
C GLY B 254 -9.69 -1.00 17.99
N ALA B 255 -10.94 -0.67 18.27
CA ALA B 255 -11.77 -1.72 18.89
C ALA B 255 -11.99 -2.91 17.96
N SER B 256 -11.76 -2.74 16.66
CA SER B 256 -11.92 -3.87 15.75
C SER B 256 -10.83 -4.92 15.94
N LEU B 257 -9.76 -4.60 16.68
CA LEU B 257 -8.70 -5.53 17.02
C LEU B 257 -9.02 -6.34 18.28
N LYS B 258 -10.13 -6.03 18.96
CA LYS B 258 -10.41 -6.50 20.29
C LYS B 258 -11.69 -7.34 20.32
N PRO B 259 -11.89 -8.14 21.37
CA PRO B 259 -13.13 -8.94 21.45
C PRO B 259 -14.40 -8.11 21.46
N GLU B 260 -14.34 -6.87 21.93
CA GLU B 260 -15.53 -6.03 22.00
C GLU B 260 -16.05 -5.65 20.63
N PHE B 261 -15.31 -5.94 19.57
CA PHE B 261 -15.84 -5.81 18.22
C PHE B 261 -17.13 -6.62 18.08
N VAL B 262 -17.22 -7.76 18.77
CA VAL B 262 -18.44 -8.57 18.71
C VAL B 262 -19.62 -7.78 19.28
N ASP B 263 -19.42 -7.11 20.42
CA ASP B 263 -20.47 -6.28 20.99
C ASP B 263 -20.87 -5.15 20.04
N ILE B 264 -19.90 -4.57 19.34
CA ILE B 264 -20.20 -3.46 18.43
C ILE B 264 -21.07 -3.94 17.27
N ILE B 265 -20.70 -5.07 16.67
CA ILE B 265 -21.58 -5.71 15.68
C ILE B 265 -22.99 -5.85 16.23
N ASN B 266 -23.12 -6.23 17.51
CA ASN B 266 -24.41 -6.46 18.16
C ASN B 266 -25.03 -5.20 18.78
N ALA B 267 -24.64 -4.00 18.31
CA ALA B 267 -25.08 -2.76 18.95
C ALA B 267 -26.60 -2.57 18.88
N LYS B 268 -27.26 -3.24 17.95
CA LYS B 268 -28.73 -3.01 17.82
C LYS B 268 -29.50 -4.05 18.64
N GLN B 269 -28.82 -4.99 19.28
CA GLN B 269 -29.46 -6.01 20.10
C GLN B 269 -29.64 -5.51 21.53
N ALA B 270 -30.66 -6.03 22.20
CA ALA B 270 -30.93 -5.63 23.58
C ALA B 270 -29.89 -6.25 24.51
F F C . 11.99 -1.25 -11.55
#